data_4DF1
#
_entry.id   4DF1
#
_cell.length_a   47.158
_cell.length_b   62.071
_cell.length_c   72.712
_cell.angle_alpha   90.00
_cell.angle_beta   97.46
_cell.angle_gamma   90.00
#
_symmetry.space_group_name_H-M   'P 1 21 1'
#
loop_
_entity.id
_entity.type
_entity.pdbx_description
1 polymer "Orotidine 5'-phosphate decarboxylase"
2 non-polymer "6-HYDROXYURIDINE-5'-PHOSPHATE"
3 non-polymer 'NICKEL (II) ION'
4 water water
#
_entity_poly.entity_id   1
_entity_poly.type   'polypeptide(L)'
_entity_poly.pdbx_seq_one_letter_code
;MAANLPLVVALDTEVLKAIDVAKRLKGAVAGFKVGWDLIFEGGISIVGEIARYGNVIVDLKIADVPHVASRVVEKLVNRG
ACCVIVHGFLHPSLPRGQHVYVLVKMTAPTIYDEMWEKLLNSVQDVRGFVLPGNQPEVVAQARKRIGCSYRIISPGIGPQ
GGRPGAAIEAGADFEIVGRYVLEDPARISQWAQYRPTCFETP
;
_entity_poly.pdbx_strand_id   A,B
#
loop_
_chem_comp.id
_chem_comp.type
_chem_comp.name
_chem_comp.formula
BMP RNA linking 6-HYDROXYURIDINE-5'-PHOSPHATE 'C9 H13 N2 O10 P'
NI non-polymer 'NICKEL (II) ION' 'Ni 2'
#
# COMPACT_ATOMS: atom_id res chain seq x y z
N ASN A 4 22.94 8.19 19.02
CA ASN A 4 22.50 8.30 17.63
C ASN A 4 21.46 9.40 17.42
N LEU A 5 21.40 9.90 16.19
CA LEU A 5 20.54 11.04 15.86
C LEU A 5 19.08 10.60 15.72
N PRO A 6 18.12 11.50 16.04
CA PRO A 6 16.69 11.16 15.96
C PRO A 6 16.21 11.18 14.53
N LEU A 7 16.85 10.35 13.70
CA LEU A 7 16.64 10.33 12.27
C LEU A 7 16.41 8.91 11.81
N VAL A 8 15.34 8.69 11.06
CA VAL A 8 15.16 7.41 10.36
C VAL A 8 15.41 7.71 8.88
N VAL A 9 16.37 7.03 8.30
CA VAL A 9 16.78 7.31 6.92
C VAL A 9 16.01 6.45 5.93
N ALA A 10 15.27 7.10 5.02
CA ALA A 10 14.45 6.40 4.05
C ALA A 10 15.29 5.96 2.85
N LEU A 11 15.45 4.65 2.67
CA LEU A 11 16.33 4.13 1.64
C LEU A 11 15.53 3.87 0.36
N ASP A 12 14.99 4.94 -0.22
CA ASP A 12 14.18 4.82 -1.42
C ASP A 12 15.15 4.85 -2.59
N THR A 13 15.86 3.75 -2.77
CA THR A 13 16.99 3.73 -3.70
C THR A 13 17.35 2.29 -4.08
N GLU A 14 18.40 2.14 -4.88
CA GLU A 14 18.88 0.84 -5.33
C GLU A 14 19.57 0.10 -4.20
N VAL A 15 19.56 -1.23 -4.29
CA VAL A 15 20.10 -2.09 -3.24
C VAL A 15 21.54 -1.73 -2.86
N LEU A 16 22.41 -1.60 -3.85
CA LEU A 16 23.82 -1.36 -3.52
C LEU A 16 24.01 0.01 -2.87
N LYS A 17 23.25 1.00 -3.34
CA LYS A 17 23.29 2.33 -2.74
C LYS A 17 22.76 2.27 -1.30
N ALA A 18 21.67 1.53 -1.10
CA ALA A 18 21.08 1.40 0.24
C ALA A 18 22.07 0.75 1.21
N ILE A 19 22.75 -0.30 0.76
CA ILE A 19 23.74 -0.96 1.60
C ILE A 19 24.89 -0.03 1.93
N ASP A 20 25.36 0.71 0.93
CA ASP A 20 26.42 1.68 1.14
C ASP A 20 26.05 2.71 2.22
N VAL A 21 24.85 3.26 2.12
CA VAL A 21 24.40 4.29 3.05
C VAL A 21 24.18 3.67 4.43
N ALA A 22 23.58 2.49 4.46
CA ALA A 22 23.27 1.84 5.74
C ALA A 22 24.57 1.54 6.49
N LYS A 23 25.57 1.03 5.77
CA LYS A 23 26.87 0.76 6.38
C LYS A 23 27.49 2.04 6.91
N ARG A 24 27.44 3.09 6.10
CA ARG A 24 28.03 4.37 6.48
C ARG A 24 27.36 4.97 7.71
N LEU A 25 26.05 4.72 7.84
CA LEU A 25 25.28 5.35 8.92
C LEU A 25 25.00 4.42 10.08
N LYS A 26 25.51 3.21 10.03
CA LYS A 26 25.29 2.26 11.11
C LYS A 26 25.75 2.88 12.42
N GLY A 27 24.87 2.84 13.43
CA GLY A 27 25.18 3.37 14.75
C GLY A 27 25.00 4.86 14.90
N ALA A 28 24.78 5.56 13.78
CA ALA A 28 24.71 7.01 13.80
C ALA A 28 23.27 7.53 13.75
N VAL A 29 22.36 6.70 13.27
CA VAL A 29 20.96 7.11 13.16
C VAL A 29 20.05 6.13 13.91
N ALA A 30 18.79 6.48 14.04
CA ALA A 30 17.85 5.67 14.81
C ALA A 30 17.40 4.44 14.05
N GLY A 31 17.42 4.51 12.73
CA GLY A 31 17.01 3.35 11.93
C GLY A 31 16.89 3.66 10.45
N PHE A 32 16.41 2.68 9.69
CA PHE A 32 16.25 2.80 8.24
C PHE A 32 14.84 2.43 7.82
N LYS A 33 14.33 3.12 6.81
CA LYS A 33 13.00 2.81 6.29
C LYS A 33 13.19 2.14 4.93
N VAL A 34 12.68 0.92 4.81
CA VAL A 34 12.84 0.13 3.60
C VAL A 34 11.50 0.01 2.90
N GLY A 35 11.45 0.33 1.62
CA GLY A 35 10.19 0.35 0.90
C GLY A 35 10.16 -0.40 -0.43
N TRP A 36 9.29 0.02 -1.34
CA TRP A 36 9.12 -0.78 -2.55
C TRP A 36 10.35 -0.78 -3.46
N ASP A 37 11.11 0.32 -3.49
CA ASP A 37 12.29 0.36 -4.38
C ASP A 37 13.23 -0.83 -4.11
N LEU A 38 13.55 -1.03 -2.84
CA LEU A 38 14.48 -2.09 -2.46
C LEU A 38 13.86 -3.47 -2.62
N ILE A 39 12.60 -3.62 -2.23
CA ILE A 39 11.95 -4.92 -2.32
C ILE A 39 11.75 -5.37 -3.79
N PHE A 40 11.42 -4.42 -4.67
CA PHE A 40 11.31 -4.69 -6.10
C PHE A 40 12.60 -5.32 -6.62
N GLU A 41 13.72 -4.79 -6.18
CA GLU A 41 15.00 -5.24 -6.70
C GLU A 41 15.41 -6.54 -6.03
N GLY A 42 15.38 -6.56 -4.70
CA GLY A 42 15.96 -7.65 -3.94
C GLY A 42 15.02 -8.68 -3.35
N GLY A 43 13.72 -8.59 -3.66
CA GLY A 43 12.73 -9.40 -2.96
C GLY A 43 12.80 -9.06 -1.48
N ILE A 44 12.04 -9.77 -0.65
CA ILE A 44 11.95 -9.47 0.77
C ILE A 44 13.28 -9.69 1.51
N SER A 45 14.21 -10.43 0.90
CA SER A 45 15.46 -10.71 1.58
C SER A 45 16.23 -9.42 1.92
N ILE A 46 15.99 -8.36 1.16
CA ILE A 46 16.66 -7.08 1.40
C ILE A 46 16.36 -6.54 2.81
N VAL A 47 15.20 -6.91 3.37
CA VAL A 47 14.83 -6.47 4.70
C VAL A 47 15.84 -6.99 5.72
N GLY A 48 16.17 -8.28 5.62
CA GLY A 48 17.16 -8.88 6.51
C GLY A 48 18.55 -8.30 6.30
N GLU A 49 18.87 -7.93 5.05
CA GLU A 49 20.19 -7.42 4.75
C GLU A 49 20.38 -6.05 5.38
N ILE A 50 19.40 -5.16 5.20
CA ILE A 50 19.48 -3.84 5.80
C ILE A 50 19.42 -3.94 7.34
N ALA A 51 18.73 -4.94 7.85
CA ALA A 51 18.59 -5.06 9.30
C ALA A 51 19.92 -5.37 10.00
N ARG A 52 20.92 -5.77 9.22
CA ARG A 52 22.26 -5.98 9.75
C ARG A 52 22.90 -4.66 10.19
N TYR A 53 22.36 -3.55 9.71
CA TYR A 53 22.96 -2.23 9.94
C TYR A 53 22.17 -1.35 10.90
N GLY A 54 20.97 -1.78 11.29
CA GLY A 54 20.19 -1.01 12.24
C GLY A 54 18.72 -1.39 12.24
N ASN A 55 17.93 -0.73 13.08
CA ASN A 55 16.49 -0.99 13.12
C ASN A 55 15.88 -0.73 11.75
N VAL A 56 15.07 -1.66 11.27
CA VAL A 56 14.38 -1.46 9.98
C VAL A 56 12.88 -1.32 10.16
N ILE A 57 12.36 -0.19 9.70
CA ILE A 57 10.92 -0.01 9.55
C ILE A 57 10.62 -0.33 8.11
N VAL A 58 9.79 -1.33 7.86
CA VAL A 58 9.39 -1.58 6.47
C VAL A 58 8.14 -0.78 6.15
N ASP A 59 8.22 -0.03 5.08
CA ASP A 59 7.12 0.86 4.71
C ASP A 59 6.61 0.55 3.32
N LEU A 60 5.55 -0.24 3.27
CA LEU A 60 4.83 -0.52 2.03
C LEU A 60 3.42 0.04 2.17
N LYS A 61 3.25 1.03 3.05
CA LYS A 61 1.96 1.71 3.20
C LYS A 61 0.85 0.67 3.23
N ILE A 62 1.03 -0.35 4.06
CA ILE A 62 0.17 -1.52 4.05
C ILE A 62 -1.30 -1.14 4.16
N ALA A 63 -2.07 -1.54 3.15
CA ALA A 63 -3.47 -1.17 3.11
C ALA A 63 -4.28 -2.24 2.37
N ASP A 64 -4.35 -3.42 2.95
CA ASP A 64 -5.08 -4.52 2.35
C ASP A 64 -6.02 -5.10 3.40
N VAL A 65 -6.89 -6.01 2.99
CA VAL A 65 -7.85 -6.58 3.94
C VAL A 65 -7.12 -7.54 4.89
N PRO A 66 -7.74 -7.87 6.04
CA PRO A 66 -7.04 -8.62 7.10
C PRO A 66 -6.32 -9.90 6.68
N HIS A 67 -6.93 -10.75 5.87
CA HIS A 67 -6.25 -12.02 5.53
C HIS A 67 -4.92 -11.79 4.81
N VAL A 68 -4.86 -10.75 4.00
CA VAL A 68 -3.63 -10.44 3.29
C VAL A 68 -2.66 -9.61 4.15
N ALA A 69 -3.18 -8.57 4.77
CA ALA A 69 -2.35 -7.70 5.61
C ALA A 69 -1.63 -8.46 6.72
N SER A 70 -2.34 -9.36 7.39
N SER A 70 -2.34 -9.36 7.39
CA SER A 70 -1.75 -10.13 8.48
CA SER A 70 -1.74 -10.11 8.49
C SER A 70 -0.54 -10.90 8.00
C SER A 70 -0.56 -10.95 8.02
N ARG A 71 -0.69 -11.54 6.83
CA ARG A 71 0.40 -12.33 6.27
C ARG A 71 1.57 -11.46 5.85
N VAL A 72 1.25 -10.31 5.25
CA VAL A 72 2.30 -9.39 4.82
C VAL A 72 3.12 -8.91 6.02
N VAL A 73 2.44 -8.45 7.07
CA VAL A 73 3.15 -7.98 8.25
C VAL A 73 4.01 -9.11 8.84
N GLU A 74 3.45 -10.31 8.90
CA GLU A 74 4.17 -11.46 9.46
C GLU A 74 5.45 -11.79 8.67
N LYS A 75 5.33 -11.85 7.34
CA LYS A 75 6.51 -12.10 6.51
C LYS A 75 7.59 -11.05 6.76
N LEU A 76 7.19 -9.78 6.86
CA LEU A 76 8.12 -8.68 7.03
C LEU A 76 8.85 -8.76 8.37
N VAL A 77 8.09 -8.95 9.45
CA VAL A 77 8.68 -9.09 10.78
C VAL A 77 9.62 -10.30 10.84
N ASN A 78 9.18 -11.41 10.26
CA ASN A 78 10.01 -12.60 10.22
C ASN A 78 11.35 -12.39 9.51
N ARG A 79 11.40 -11.46 8.56
CA ARG A 79 12.64 -11.19 7.82
C ARG A 79 13.55 -10.18 8.51
N GLY A 80 13.09 -9.63 9.62
CA GLY A 80 13.93 -8.75 10.40
C GLY A 80 13.41 -7.35 10.66
N ALA A 81 12.23 -7.02 10.13
CA ALA A 81 11.67 -5.70 10.36
C ALA A 81 11.35 -5.52 11.84
N CYS A 82 11.75 -4.40 12.43
CA CYS A 82 11.38 -4.10 13.82
C CYS A 82 9.93 -3.64 13.86
N CYS A 83 9.49 -2.95 12.81
CA CYS A 83 8.10 -2.54 12.72
C CYS A 83 7.68 -2.23 11.29
N VAL A 84 6.39 -2.01 11.08
CA VAL A 84 5.87 -1.74 9.74
C VAL A 84 4.92 -0.55 9.78
N ILE A 85 4.82 0.17 8.67
CA ILE A 85 3.86 1.26 8.56
C ILE A 85 2.61 0.77 7.85
N VAL A 86 1.44 1.05 8.43
CA VAL A 86 0.16 0.70 7.82
C VAL A 86 -0.71 1.94 7.71
N HIS A 87 -1.69 1.93 6.80
CA HIS A 87 -2.58 3.07 6.64
C HIS A 87 -3.72 3.06 7.65
N GLY A 88 -3.88 4.18 8.35
CA GLY A 88 -4.95 4.31 9.32
C GLY A 88 -6.32 4.32 8.68
N PHE A 89 -6.42 4.62 7.39
CA PHE A 89 -7.75 4.66 6.79
C PHE A 89 -8.47 3.30 6.78
N LEU A 90 -7.72 2.23 7.01
CA LEU A 90 -8.29 0.88 7.12
C LEU A 90 -9.17 0.71 8.37
N HIS A 91 -9.04 1.62 9.33
CA HIS A 91 -9.79 1.48 10.59
C HIS A 91 -11.27 1.24 10.31
N PRO A 92 -11.88 0.24 10.98
CA PRO A 92 -11.37 -0.58 12.08
C PRO A 92 -10.60 -1.83 11.67
N SER A 93 -10.50 -2.11 10.39
CA SER A 93 -9.77 -3.30 9.93
C SER A 93 -8.26 -3.05 9.87
N LEU A 94 -7.67 -2.74 11.02
CA LEU A 94 -6.31 -2.22 11.09
C LEU A 94 -5.39 -3.19 11.82
N PRO A 95 -4.24 -3.55 11.22
CA PRO A 95 -3.29 -4.36 12.01
C PRO A 95 -2.90 -3.60 13.29
N ARG A 96 -2.68 -4.32 14.40
CA ARG A 96 -2.39 -3.66 15.67
C ARG A 96 -1.12 -4.22 16.33
N GLY A 97 -0.70 -3.58 17.42
CA GLY A 97 0.38 -4.14 18.23
C GLY A 97 1.65 -3.31 18.15
N GLN A 98 2.65 -3.74 18.92
CA GLN A 98 3.89 -2.98 19.04
C GLN A 98 4.76 -2.99 17.78
N HIS A 99 4.38 -3.78 16.78
CA HIS A 99 5.09 -3.78 15.49
C HIS A 99 4.52 -2.72 14.54
N VAL A 100 3.45 -2.02 14.94
CA VAL A 100 2.70 -1.24 13.96
C VAL A 100 2.74 0.28 14.16
N TYR A 101 3.22 0.98 13.15
CA TYR A 101 3.05 2.43 13.04
C TYR A 101 1.87 2.72 12.12
N VAL A 102 1.01 3.64 12.51
CA VAL A 102 -0.21 3.95 11.76
C VAL A 102 -0.13 5.35 11.16
N LEU A 103 -0.19 5.44 9.83
CA LEU A 103 -0.19 6.73 9.14
C LEU A 103 -1.59 7.31 9.21
N VAL A 104 -1.73 8.54 9.73
CA VAL A 104 -3.07 9.16 9.87
C VAL A 104 -3.22 10.52 9.17
N LYS A 105 -2.15 11.03 8.56
CA LYS A 105 -2.23 12.23 7.74
C LYS A 105 -0.96 12.22 6.89
N MET A 106 -1.04 12.70 5.65
CA MET A 106 0.14 12.61 4.79
C MET A 106 0.75 13.97 4.47
N THR A 107 1.96 13.96 3.93
CA THR A 107 2.68 15.18 3.56
C THR A 107 2.11 15.75 2.27
N ALA A 108 1.28 14.97 1.61
CA ALA A 108 0.52 15.41 0.42
C ALA A 108 -0.98 15.43 0.77
N PRO A 109 -1.78 16.24 0.08
CA PRO A 109 -3.21 16.34 0.44
C PRO A 109 -3.96 15.06 0.08
N THR A 110 -4.76 14.56 1.02
CA THR A 110 -5.53 13.34 0.85
C THR A 110 -6.79 13.47 1.68
N ILE A 111 -7.61 12.43 1.66
N ILE A 111 -7.62 12.43 1.67
CA ILE A 111 -8.85 12.42 2.43
CA ILE A 111 -8.85 12.43 2.44
C ILE A 111 -8.57 12.48 3.95
C ILE A 111 -8.57 12.50 3.95
N TYR A 112 -7.39 12.04 4.37
CA TYR A 112 -7.01 12.13 5.79
C TYR A 112 -7.16 13.55 6.33
N ASP A 113 -6.94 14.54 5.48
CA ASP A 113 -6.82 15.92 5.93
C ASP A 113 -8.06 16.44 6.65
N GLU A 114 -9.22 15.92 6.31
CA GLU A 114 -10.45 16.40 6.92
C GLU A 114 -10.86 15.64 8.18
N MET A 115 -10.11 14.59 8.52
CA MET A 115 -10.55 13.74 9.63
C MET A 115 -9.43 13.09 10.43
N TRP A 116 -8.20 13.55 10.24
CA TRP A 116 -7.06 12.89 10.87
C TRP A 116 -7.13 12.87 12.40
N GLU A 117 -7.67 13.93 13.00
CA GLU A 117 -7.72 13.99 14.46
C GLU A 117 -8.67 12.97 15.06
N LYS A 118 -9.81 12.80 14.42
CA LYS A 118 -10.79 11.80 14.81
C LYS A 118 -10.14 10.41 14.72
N LEU A 119 -9.36 10.20 13.66
CA LEU A 119 -8.70 8.92 13.48
C LEU A 119 -7.64 8.73 14.55
N LEU A 120 -6.85 9.76 14.81
CA LEU A 120 -5.81 9.67 15.84
C LEU A 120 -6.44 9.23 17.15
N ASN A 121 -7.59 9.78 17.47
CA ASN A 121 -8.30 9.42 18.72
C ASN A 121 -8.85 7.99 18.74
N SER A 122 -9.15 7.46 17.56
CA SER A 122 -9.80 6.15 17.42
C SER A 122 -8.83 4.98 17.52
N VAL A 123 -7.56 5.25 17.23
CA VAL A 123 -6.56 4.19 17.13
C VAL A 123 -5.79 4.05 18.44
N GLN A 124 -5.85 2.86 19.04
CA GLN A 124 -5.10 2.54 20.27
C GLN A 124 -4.30 1.27 20.05
N ASP A 125 -3.42 0.95 21.00
CA ASP A 125 -2.74 -0.35 20.99
C ASP A 125 -1.87 -0.53 19.76
N VAL A 126 -1.18 0.54 19.37
CA VAL A 126 -0.19 0.48 18.29
C VAL A 126 1.10 1.09 18.81
N ARG A 127 2.18 0.96 18.05
CA ARG A 127 3.47 1.44 18.50
C ARG A 127 3.52 2.96 18.40
N GLY A 128 2.86 3.49 17.38
CA GLY A 128 2.97 4.93 17.12
C GLY A 128 2.27 5.37 15.86
N PHE A 129 2.45 6.65 15.53
CA PHE A 129 1.77 7.27 14.40
C PHE A 129 2.74 7.95 13.46
N VAL A 130 2.37 8.01 12.19
CA VAL A 130 3.15 8.76 11.21
C VAL A 130 2.35 10.04 10.93
N LEU A 131 2.98 11.17 11.18
CA LEU A 131 2.36 12.49 10.99
C LEU A 131 3.31 13.36 10.17
N PRO A 132 2.76 14.23 9.31
CA PRO A 132 3.58 14.95 8.32
C PRO A 132 4.52 15.99 8.93
N GLY A 133 5.82 15.78 8.71
CA GLY A 133 6.86 16.69 9.19
C GLY A 133 6.96 17.99 8.40
N ASN A 134 6.31 18.06 7.25
CA ASN A 134 6.20 19.36 6.57
C ASN A 134 5.00 20.17 7.09
N GLN A 135 4.34 19.64 8.12
CA GLN A 135 3.24 20.33 8.78
C GLN A 135 3.41 20.24 10.29
N PRO A 136 4.43 20.91 10.83
CA PRO A 136 4.77 20.70 12.24
C PRO A 136 3.62 21.08 13.20
N GLU A 137 2.73 21.98 12.78
CA GLU A 137 1.55 22.30 13.59
C GLU A 137 0.67 21.09 13.85
N VAL A 138 0.61 20.17 12.88
CA VAL A 138 -0.14 18.92 13.02
C VAL A 138 0.54 18.01 14.05
N VAL A 139 1.85 17.94 13.96
CA VAL A 139 2.64 17.15 14.90
C VAL A 139 2.40 17.66 16.32
N ALA A 140 2.44 18.99 16.49
CA ALA A 140 2.19 19.60 17.81
C ALA A 140 0.79 19.28 18.32
N GLN A 141 -0.22 19.37 17.45
CA GLN A 141 -1.58 19.08 17.89
C GLN A 141 -1.72 17.61 18.27
N ALA A 142 -1.13 16.73 17.47
CA ALA A 142 -1.17 15.29 17.76
C ALA A 142 -0.54 14.99 19.11
N ARG A 143 0.67 15.50 19.33
CA ARG A 143 1.37 15.28 20.58
C ARG A 143 0.54 15.83 21.75
N LYS A 144 -0.13 16.94 21.54
CA LYS A 144 -1.02 17.48 22.56
C LYS A 144 -2.12 16.49 22.93
N ARG A 145 -2.68 15.79 21.94
CA ARG A 145 -3.76 14.84 22.17
C ARG A 145 -3.28 13.53 22.84
N ILE A 146 -2.13 13.01 22.42
CA ILE A 146 -1.71 11.68 22.88
C ILE A 146 -0.58 11.66 23.91
N GLY A 147 0.04 12.80 24.18
CA GLY A 147 1.15 12.82 25.11
C GLY A 147 2.22 11.85 24.70
N CYS A 148 2.85 11.18 25.66
CA CYS A 148 3.93 10.23 25.38
C CYS A 148 3.45 8.79 25.32
N SER A 149 2.15 8.62 25.13
CA SER A 149 1.56 7.30 25.05
C SER A 149 2.06 6.51 23.84
N TYR A 150 2.39 7.22 22.77
CA TYR A 150 2.75 6.59 21.48
C TYR A 150 3.89 7.34 20.81
N ARG A 151 4.66 6.64 19.98
CA ARG A 151 5.69 7.30 19.19
C ARG A 151 5.05 8.12 18.07
N ILE A 152 5.78 9.15 17.64
CA ILE A 152 5.43 9.85 16.40
C ILE A 152 6.66 9.96 15.52
N ILE A 153 6.56 9.53 14.26
CA ILE A 153 7.63 9.72 13.31
C ILE A 153 7.10 10.50 12.11
N SER A 154 7.95 11.31 11.50
CA SER A 154 7.48 12.37 10.61
C SER A 154 8.36 12.54 9.37
N PRO A 155 7.82 12.24 8.18
CA PRO A 155 8.53 12.49 6.93
C PRO A 155 8.24 13.88 6.37
N GLY A 156 8.84 14.18 5.21
CA GLY A 156 8.54 15.43 4.52
C GLY A 156 9.59 16.50 4.74
N ILE A 157 10.81 16.09 5.08
CA ILE A 157 11.87 17.05 5.35
C ILE A 157 12.72 17.22 4.08
N GLY A 158 12.99 18.47 3.70
CA GLY A 158 13.81 18.74 2.54
C GLY A 158 12.94 19.09 1.34
N PRO A 159 13.03 18.29 0.27
CA PRO A 159 12.25 18.54 -0.95
C PRO A 159 10.76 18.80 -0.71
N GLN A 160 10.15 18.10 0.24
CA GLN A 160 8.73 18.30 0.49
C GLN A 160 8.43 19.50 1.36
N GLY A 161 9.48 20.21 1.79
CA GLY A 161 9.31 21.50 2.41
C GLY A 161 9.62 21.62 3.89
N GLY A 162 9.66 20.51 4.62
CA GLY A 162 9.95 20.56 6.04
C GLY A 162 11.40 20.93 6.30
N ARG A 163 11.66 21.67 7.38
CA ARG A 163 13.03 21.99 7.76
C ARG A 163 13.54 20.95 8.76
N PRO A 164 14.82 20.57 8.64
CA PRO A 164 15.34 19.61 9.61
C PRO A 164 15.08 20.02 11.06
N GLY A 165 14.55 19.11 11.86
CA GLY A 165 14.36 19.35 13.27
C GLY A 165 13.03 19.99 13.65
N ALA A 166 12.33 20.58 12.67
CA ALA A 166 11.08 21.28 12.98
C ALA A 166 9.96 20.34 13.43
N ALA A 167 9.95 19.11 12.93
CA ALA A 167 8.95 18.15 13.39
C ALA A 167 9.28 17.65 14.81
N ILE A 168 10.55 17.32 15.03
CA ILE A 168 11.02 16.97 16.38
C ILE A 168 10.70 18.08 17.38
N GLU A 169 11.01 19.33 17.01
CA GLU A 169 10.71 20.46 17.90
C GLU A 169 9.22 20.54 18.20
N ALA A 170 8.40 20.25 17.21
CA ALA A 170 6.94 20.30 17.37
C ALA A 170 6.37 19.11 18.14
N GLY A 171 7.19 18.09 18.38
CA GLY A 171 6.73 16.96 19.16
C GLY A 171 7.06 15.56 18.64
N ALA A 172 7.64 15.47 17.45
CA ALA A 172 7.97 14.15 16.90
C ALA A 172 9.11 13.48 17.67
N ASP A 173 9.14 12.15 17.65
CA ASP A 173 10.27 11.42 18.17
C ASP A 173 11.40 11.33 17.13
N PHE A 174 11.04 11.03 15.89
CA PHE A 174 12.03 10.91 14.82
C PHE A 174 11.54 11.52 13.53
N GLU A 175 12.47 12.09 12.77
CA GLU A 175 12.16 12.54 11.43
C GLU A 175 12.60 11.47 10.44
N ILE A 176 11.77 11.25 9.44
CA ILE A 176 12.06 10.30 8.37
C ILE A 176 12.57 11.12 7.19
N VAL A 177 13.78 10.82 6.74
CA VAL A 177 14.41 11.65 5.72
C VAL A 177 15.05 10.78 4.63
N GLY A 178 14.69 11.05 3.38
CA GLY A 178 15.17 10.24 2.27
C GLY A 178 16.17 10.98 1.40
N ARG A 179 15.66 11.63 0.36
CA ARG A 179 16.51 12.22 -0.68
C ARG A 179 17.58 13.17 -0.12
N TYR A 180 17.20 13.98 0.85
CA TYR A 180 18.12 14.98 1.39
C TYR A 180 19.36 14.30 1.98
N VAL A 181 19.15 13.21 2.71
CA VAL A 181 20.27 12.48 3.32
C VAL A 181 21.00 11.56 2.34
N LEU A 182 20.25 10.89 1.46
CA LEU A 182 20.87 10.03 0.46
C LEU A 182 21.85 10.83 -0.40
N GLU A 183 21.51 12.09 -0.66
CA GLU A 183 22.31 12.95 -1.53
C GLU A 183 23.64 13.29 -0.88
N ASP A 184 23.63 13.46 0.44
CA ASP A 184 24.85 13.72 1.20
C ASP A 184 24.68 13.28 2.66
N PRO A 185 25.05 12.03 2.96
CA PRO A 185 24.89 11.48 4.31
C PRO A 185 25.56 12.31 5.41
N ALA A 186 26.51 13.17 5.06
CA ALA A 186 27.13 14.02 6.07
C ALA A 186 26.11 14.98 6.67
N ARG A 187 25.01 15.17 5.95
CA ARG A 187 23.94 16.05 6.43
C ARG A 187 23.27 15.61 7.74
N ILE A 188 23.45 14.36 8.15
CA ILE A 188 22.86 13.92 9.42
C ILE A 188 23.32 14.80 10.58
N SER A 189 24.47 15.46 10.44
CA SER A 189 24.98 16.35 11.48
C SER A 189 23.99 17.46 11.82
N GLN A 190 23.11 17.78 10.87
CA GLN A 190 22.09 18.79 11.10
C GLN A 190 21.09 18.39 12.20
N TRP A 191 21.05 17.11 12.55
CA TRP A 191 20.14 16.64 13.59
C TRP A 191 20.81 16.50 14.97
N ALA A 192 22.08 16.89 15.06
CA ALA A 192 22.87 16.69 16.27
C ALA A 192 22.31 17.39 17.51
N GLN A 193 21.66 18.53 17.32
CA GLN A 193 21.17 19.31 18.47
C GLN A 193 19.78 18.87 18.92
N TYR A 194 19.12 18.04 18.13
CA TYR A 194 17.74 17.63 18.44
C TYR A 194 17.71 16.29 19.17
N ARG A 195 16.65 16.08 19.94
CA ARG A 195 16.48 14.79 20.62
C ARG A 195 15.02 14.42 20.55
N PRO A 196 14.73 13.10 20.56
CA PRO A 196 13.34 12.67 20.48
C PRO A 196 12.50 13.24 21.63
N THR A 197 11.25 13.58 21.32
CA THR A 197 10.37 14.21 22.29
C THR A 197 10.00 13.27 23.45
N CYS A 198 9.65 12.02 23.13
CA CYS A 198 9.12 11.08 24.12
C CYS A 198 9.88 9.75 24.22
N PHE A 199 10.41 9.28 23.09
CA PHE A 199 10.99 7.94 23.03
C PHE A 199 12.40 7.99 22.44
N GLU A 200 13.36 7.33 23.09
CA GLU A 200 14.74 7.36 22.63
C GLU A 200 15.00 6.41 21.46
N THR A 201 14.10 5.47 21.23
CA THR A 201 14.20 4.54 20.11
C THR A 201 12.89 4.53 19.32
N PRO A 202 12.96 4.25 18.02
CA PRO A 202 11.74 4.22 17.22
C PRO A 202 10.95 2.94 17.49
N ASN B 4 -13.05 -16.93 -22.68
CA ASN B 4 -12.52 -15.88 -21.82
C ASN B 4 -13.54 -15.49 -20.74
N LEU B 5 -13.45 -16.15 -19.60
CA LEU B 5 -14.35 -15.91 -18.49
C LEU B 5 -14.09 -14.53 -17.87
N PRO B 6 -15.15 -13.86 -17.37
CA PRO B 6 -15.03 -12.52 -16.76
C PRO B 6 -14.41 -12.59 -15.37
N LEU B 7 -13.21 -13.15 -15.30
CA LEU B 7 -12.57 -13.51 -14.05
C LEU B 7 -11.09 -13.12 -14.09
N VAL B 8 -10.63 -12.43 -13.04
CA VAL B 8 -9.22 -12.13 -12.86
C VAL B 8 -8.74 -12.94 -11.66
N VAL B 9 -7.74 -13.79 -11.87
CA VAL B 9 -7.32 -14.70 -10.79
C VAL B 9 -6.23 -14.06 -9.97
N ALA B 10 -6.47 -13.92 -8.66
CA ALA B 10 -5.49 -13.34 -7.74
C ALA B 10 -4.44 -14.37 -7.36
N LEU B 11 -3.22 -14.17 -7.85
CA LEU B 11 -2.14 -15.13 -7.61
C LEU B 11 -1.46 -14.81 -6.27
N ASP B 12 -2.24 -14.88 -5.21
CA ASP B 12 -1.71 -14.61 -3.87
C ASP B 12 -1.03 -15.89 -3.37
N THR B 13 0.12 -16.19 -3.94
CA THR B 13 0.76 -17.48 -3.68
C THR B 13 2.26 -17.43 -4.04
N GLU B 14 2.95 -18.54 -3.88
CA GLU B 14 4.38 -18.62 -4.18
C GLU B 14 4.61 -18.59 -5.69
N VAL B 15 5.85 -18.26 -6.09
CA VAL B 15 6.18 -18.10 -7.50
C VAL B 15 5.90 -19.37 -8.28
N LEU B 16 6.38 -20.49 -7.79
CA LEU B 16 6.24 -21.74 -8.56
C LEU B 16 4.77 -22.07 -8.78
N LYS B 17 3.97 -21.98 -7.73
CA LYS B 17 2.54 -22.22 -7.85
C LYS B 17 1.84 -21.24 -8.77
N ALA B 18 2.22 -19.96 -8.69
CA ALA B 18 1.59 -18.94 -9.51
C ALA B 18 1.87 -19.19 -10.99
N ILE B 19 3.11 -19.54 -11.31
CA ILE B 19 3.47 -19.80 -12.70
C ILE B 19 2.72 -21.02 -13.25
N ASP B 20 2.62 -22.08 -12.45
CA ASP B 20 1.85 -23.26 -12.87
C ASP B 20 0.38 -22.91 -13.10
N VAL B 21 -0.19 -22.08 -12.23
CA VAL B 21 -1.60 -21.71 -12.39
C VAL B 21 -1.80 -20.82 -13.61
N ALA B 22 -0.91 -19.86 -13.79
CA ALA B 22 -0.97 -18.96 -14.95
C ALA B 22 -0.87 -19.73 -16.26
N LYS B 23 0.09 -20.66 -16.33
CA LYS B 23 0.29 -21.44 -17.56
C LYS B 23 -0.97 -22.23 -17.84
N ARG B 24 -1.54 -22.78 -16.78
CA ARG B 24 -2.73 -23.62 -16.89
C ARG B 24 -3.97 -22.86 -17.34
N LEU B 25 -4.12 -21.63 -16.84
CA LEU B 25 -5.32 -20.85 -17.13
C LEU B 25 -5.14 -19.88 -18.29
N LYS B 26 -3.96 -19.92 -18.92
CA LYS B 26 -3.65 -19.03 -20.03
C LYS B 26 -4.78 -19.07 -21.06
N GLY B 27 -5.33 -17.91 -21.40
CA GLY B 27 -6.38 -17.82 -22.41
C GLY B 27 -7.79 -18.15 -21.93
N ALA B 28 -7.91 -18.64 -20.70
CA ALA B 28 -9.19 -19.06 -20.16
C ALA B 28 -9.84 -18.00 -19.28
N VAL B 29 -9.01 -17.12 -18.73
CA VAL B 29 -9.47 -16.09 -17.82
C VAL B 29 -9.10 -14.72 -18.39
N ALA B 30 -9.64 -13.66 -17.79
CA ALA B 30 -9.41 -12.30 -18.28
C ALA B 30 -8.05 -11.75 -17.90
N GLY B 31 -7.44 -12.30 -16.85
CA GLY B 31 -6.11 -11.88 -16.45
C GLY B 31 -5.74 -12.37 -15.07
N PHE B 32 -4.61 -11.89 -14.56
CA PHE B 32 -4.07 -12.32 -13.27
C PHE B 32 -3.73 -11.10 -12.43
N LYS B 33 -3.97 -11.19 -11.11
CA LYS B 33 -3.58 -10.11 -10.21
C LYS B 33 -2.35 -10.57 -9.44
N VAL B 34 -1.29 -9.79 -9.54
CA VAL B 34 0.00 -10.14 -8.95
C VAL B 34 0.25 -9.15 -7.82
N GLY B 35 0.60 -9.63 -6.65
CA GLY B 35 0.70 -8.75 -5.50
C GLY B 35 1.86 -9.03 -4.56
N TRP B 36 1.62 -8.78 -3.28
CA TRP B 36 2.64 -8.85 -2.25
C TRP B 36 3.42 -10.16 -2.26
N ASP B 37 2.70 -11.28 -2.25
CA ASP B 37 3.38 -12.56 -2.04
C ASP B 37 4.40 -12.82 -3.15
N LEU B 38 3.99 -12.59 -4.39
CA LEU B 38 4.87 -12.87 -5.53
C LEU B 38 6.07 -11.92 -5.60
N ILE B 39 5.86 -10.64 -5.31
CA ILE B 39 6.95 -9.68 -5.39
C ILE B 39 7.95 -9.91 -4.26
N PHE B 40 7.44 -10.27 -3.08
CA PHE B 40 8.30 -10.58 -1.94
C PHE B 40 9.28 -11.69 -2.30
N GLU B 41 8.78 -12.71 -2.98
CA GLU B 41 9.62 -13.87 -3.29
C GLU B 41 10.48 -13.64 -4.51
N GLY B 42 9.90 -13.06 -5.56
CA GLY B 42 10.55 -13.02 -6.85
C GLY B 42 11.04 -11.66 -7.31
N GLY B 43 10.76 -10.62 -6.53
CA GLY B 43 11.14 -9.27 -6.91
C GLY B 43 10.23 -8.80 -8.04
N ILE B 44 10.45 -7.59 -8.54
CA ILE B 44 9.57 -7.06 -9.58
C ILE B 44 9.64 -7.85 -10.88
N SER B 45 10.71 -8.63 -11.05
CA SER B 45 10.88 -9.41 -12.27
C SER B 45 9.74 -10.43 -12.50
N ILE B 46 9.06 -10.82 -11.42
CA ILE B 46 7.94 -11.77 -11.55
C ILE B 46 6.78 -11.22 -12.39
N VAL B 47 6.64 -9.90 -12.44
CA VAL B 47 5.54 -9.30 -13.19
C VAL B 47 5.61 -9.65 -14.68
N GLY B 48 6.78 -9.42 -15.29
CA GLY B 48 6.93 -9.72 -16.70
C GLY B 48 6.82 -11.22 -16.98
N GLU B 49 7.19 -12.03 -16.01
CA GLU B 49 7.11 -13.48 -16.14
C GLU B 49 5.65 -13.95 -16.23
N ILE B 50 4.82 -13.48 -15.30
CA ILE B 50 3.39 -13.81 -15.33
C ILE B 50 2.72 -13.21 -16.57
N ALA B 51 3.22 -12.06 -17.01
CA ALA B 51 2.65 -11.38 -18.18
C ALA B 51 2.79 -12.19 -19.46
N ARG B 52 3.67 -13.19 -19.45
CA ARG B 52 3.79 -14.11 -20.58
C ARG B 52 2.51 -14.89 -20.80
N TYR B 53 1.69 -15.02 -19.75
CA TYR B 53 0.52 -15.90 -19.78
C TYR B 53 -0.84 -15.18 -19.84
N GLY B 54 -0.83 -13.88 -19.65
CA GLY B 54 -2.05 -13.09 -19.76
C GLY B 54 -1.86 -11.67 -19.25
N ASN B 55 -2.93 -10.89 -19.28
CA ASN B 55 -2.90 -9.54 -18.72
C ASN B 55 -2.58 -9.60 -17.23
N VAL B 56 -1.66 -8.75 -16.78
CA VAL B 56 -1.36 -8.68 -15.37
C VAL B 56 -1.80 -7.34 -14.78
N ILE B 57 -2.65 -7.41 -13.77
CA ILE B 57 -2.93 -6.26 -12.92
C ILE B 57 -2.02 -6.38 -11.70
N VAL B 58 -1.13 -5.42 -11.49
CA VAL B 58 -0.32 -5.45 -10.27
C VAL B 58 -1.06 -4.73 -9.15
N ASP B 59 -1.23 -5.44 -8.04
CA ASP B 59 -1.98 -4.91 -6.91
C ASP B 59 -1.10 -4.88 -5.67
N LEU B 60 -0.50 -3.73 -5.42
CA LEU B 60 0.24 -3.49 -4.20
C LEU B 60 -0.46 -2.36 -3.44
N LYS B 61 -1.74 -2.15 -3.76
CA LYS B 61 -2.57 -1.19 -3.03
C LYS B 61 -1.83 0.13 -2.88
N ILE B 62 -1.33 0.63 -4.00
CA ILE B 62 -0.44 1.79 -3.99
C ILE B 62 -1.05 2.97 -3.26
N ALA B 63 -0.33 3.49 -2.28
CA ALA B 63 -0.89 4.48 -1.38
C ALA B 63 0.22 5.34 -0.79
N ASP B 64 1.08 5.86 -1.66
CA ASP B 64 2.19 6.69 -1.22
C ASP B 64 2.03 8.08 -1.80
N VAL B 65 2.89 9.00 -1.38
CA VAL B 65 2.89 10.35 -1.91
C VAL B 65 3.42 10.33 -3.35
N PRO B 66 3.13 11.40 -4.11
CA PRO B 66 3.36 11.37 -5.55
C PRO B 66 4.78 10.99 -5.99
N HIS B 67 5.82 11.53 -5.38
CA HIS B 67 7.17 11.22 -5.87
C HIS B 67 7.52 9.73 -5.81
N VAL B 68 6.92 9.02 -4.85
CA VAL B 68 7.13 7.58 -4.75
C VAL B 68 6.10 6.83 -5.58
N ALA B 69 4.82 7.20 -5.44
CA ALA B 69 3.75 6.50 -6.13
C ALA B 69 3.93 6.54 -7.65
N SER B 70 4.30 7.69 -8.19
CA SER B 70 4.47 7.80 -9.64
C SER B 70 5.57 6.85 -10.13
N ARG B 71 6.66 6.77 -9.38
CA ARG B 71 7.77 5.88 -9.74
C ARG B 71 7.37 4.42 -9.66
N VAL B 72 6.66 4.07 -8.59
CA VAL B 72 6.18 2.69 -8.42
C VAL B 72 5.26 2.31 -9.58
N VAL B 73 4.33 3.18 -9.92
CA VAL B 73 3.41 2.91 -11.02
C VAL B 73 4.18 2.72 -12.34
N GLU B 74 5.09 3.64 -12.63
CA GLU B 74 5.85 3.57 -13.88
C GLU B 74 6.76 2.34 -13.96
N LYS B 75 7.40 1.96 -12.85
CA LYS B 75 8.20 0.74 -12.84
C LYS B 75 7.36 -0.47 -13.20
N LEU B 76 6.13 -0.53 -12.68
CA LEU B 76 5.28 -1.69 -12.91
C LEU B 76 4.74 -1.73 -14.33
N VAL B 77 4.19 -0.62 -14.79
CA VAL B 77 3.55 -0.60 -16.11
C VAL B 77 4.56 -0.75 -17.23
N ASN B 78 5.81 -0.37 -16.97
CA ASN B 78 6.85 -0.53 -17.98
C ASN B 78 7.58 -1.88 -17.89
N ARG B 79 7.24 -2.67 -16.88
CA ARG B 79 7.89 -3.97 -16.71
C ARG B 79 6.87 -5.10 -16.67
N GLY B 80 5.78 -4.94 -17.42
CA GLY B 80 4.83 -6.03 -17.60
C GLY B 80 3.38 -5.83 -17.21
N ALA B 81 3.08 -4.84 -16.37
CA ALA B 81 1.71 -4.64 -15.90
C ALA B 81 0.82 -3.90 -16.89
N CYS B 82 -0.36 -4.45 -17.17
CA CYS B 82 -1.32 -3.75 -18.01
C CYS B 82 -1.92 -2.60 -17.22
N CYS B 83 -2.10 -2.81 -15.92
CA CYS B 83 -2.58 -1.74 -15.06
C CYS B 83 -2.23 -2.02 -13.61
N VAL B 84 -2.54 -1.06 -12.74
CA VAL B 84 -2.22 -1.19 -11.32
C VAL B 84 -3.40 -0.68 -10.48
N ILE B 85 -3.52 -1.22 -9.27
CA ILE B 85 -4.53 -0.78 -8.33
C ILE B 85 -3.91 0.19 -7.33
N VAL B 86 -4.60 1.31 -7.13
CA VAL B 86 -4.17 2.35 -6.20
C VAL B 86 -5.35 2.70 -5.30
N HIS B 87 -5.04 3.22 -4.11
CA HIS B 87 -6.06 3.58 -3.13
C HIS B 87 -6.66 4.95 -3.40
N GLY B 88 -7.98 5.02 -3.49
CA GLY B 88 -8.67 6.28 -3.74
C GLY B 88 -8.60 7.25 -2.57
N PHE B 89 -8.31 6.75 -1.37
CA PHE B 89 -8.20 7.62 -0.19
C PHE B 89 -7.17 8.73 -0.38
N LEU B 90 -6.19 8.50 -1.27
CA LEU B 90 -5.16 9.49 -1.55
C LEU B 90 -5.71 10.75 -2.25
N HIS B 91 -6.90 10.68 -2.81
CA HIS B 91 -7.45 11.83 -3.55
C HIS B 91 -7.37 13.12 -2.71
N PRO B 92 -6.93 14.24 -3.32
CA PRO B 92 -6.63 14.49 -4.73
C PRO B 92 -5.21 14.10 -5.18
N SER B 93 -4.37 13.59 -4.28
CA SER B 93 -3.00 13.19 -4.64
C SER B 93 -3.00 11.75 -5.18
N LEU B 94 -3.72 11.54 -6.28
CA LEU B 94 -4.06 10.22 -6.78
C LEU B 94 -3.47 9.97 -8.16
N PRO B 95 -2.70 8.88 -8.34
CA PRO B 95 -2.28 8.57 -9.71
C PRO B 95 -3.52 8.32 -10.57
N ARG B 96 -3.49 8.74 -11.83
CA ARG B 96 -4.63 8.51 -12.69
C ARG B 96 -4.22 8.07 -14.10
N GLY B 97 -5.19 8.00 -15.01
CA GLY B 97 -4.92 7.56 -16.37
C GLY B 97 -5.34 6.13 -16.66
N GLN B 98 -5.09 5.70 -17.88
CA GLN B 98 -5.65 4.45 -18.37
C GLN B 98 -5.02 3.22 -17.75
N HIS B 99 -3.94 3.39 -16.99
CA HIS B 99 -3.28 2.25 -16.35
C HIS B 99 -3.72 2.09 -14.89
N VAL B 100 -4.64 2.92 -14.44
CA VAL B 100 -4.97 2.97 -13.02
C VAL B 100 -6.38 2.53 -12.68
N TYR B 101 -6.50 1.52 -11.84
CA TYR B 101 -7.75 1.16 -11.18
C TYR B 101 -7.74 1.79 -9.78
N VAL B 102 -8.84 2.42 -9.38
CA VAL B 102 -8.92 3.10 -8.09
C VAL B 102 -9.86 2.38 -7.14
N LEU B 103 -9.30 1.90 -6.03
CA LEU B 103 -10.09 1.24 -4.98
C LEU B 103 -10.82 2.29 -4.16
N VAL B 104 -12.15 2.22 -4.10
CA VAL B 104 -12.92 3.24 -3.36
C VAL B 104 -13.79 2.68 -2.23
N LYS B 105 -13.82 1.35 -2.07
CA LYS B 105 -14.47 0.73 -0.92
C LYS B 105 -13.94 -0.69 -0.86
N MET B 106 -13.80 -1.23 0.36
CA MET B 106 -13.16 -2.53 0.50
C MET B 106 -14.14 -3.59 1.00
N THR B 107 -13.73 -4.85 0.87
CA THR B 107 -14.57 -5.98 1.28
C THR B 107 -14.57 -6.12 2.80
N ALA B 108 -13.71 -5.36 3.47
CA ALA B 108 -13.66 -5.29 4.93
C ALA B 108 -14.01 -3.86 5.36
N PRO B 109 -14.58 -3.70 6.57
CA PRO B 109 -14.95 -2.33 6.98
C PRO B 109 -13.75 -1.42 7.17
N THR B 110 -13.83 -0.23 6.59
CA THR B 110 -12.77 0.76 6.65
C THR B 110 -13.42 2.14 6.57
N ILE B 111 -12.60 3.18 6.65
CA ILE B 111 -13.11 4.54 6.56
C ILE B 111 -13.76 4.81 5.20
N TYR B 112 -13.40 4.02 4.18
CA TYR B 112 -14.09 4.13 2.89
C TYR B 112 -15.61 4.02 3.03
N ASP B 113 -16.07 3.26 4.02
CA ASP B 113 -17.51 3.00 4.13
C ASP B 113 -18.34 4.27 4.19
N GLU B 114 -17.75 5.34 4.71
CA GLU B 114 -18.38 6.67 4.70
C GLU B 114 -17.98 7.57 3.53
N MET B 115 -16.98 7.17 2.74
CA MET B 115 -16.41 8.05 1.73
C MET B 115 -16.78 7.68 0.30
N TRP B 116 -17.15 6.42 0.08
CA TRP B 116 -17.01 5.85 -1.26
C TRP B 116 -17.84 6.54 -2.34
N GLU B 117 -19.06 6.95 -2.03
CA GLU B 117 -19.88 7.61 -3.04
C GLU B 117 -19.31 8.97 -3.42
N LYS B 118 -18.82 9.70 -2.42
CA LYS B 118 -18.15 10.97 -2.68
C LYS B 118 -16.92 10.78 -3.56
N LEU B 119 -16.19 9.69 -3.32
CA LEU B 119 -15.02 9.38 -4.15
C LEU B 119 -15.38 9.10 -5.61
N LEU B 120 -16.44 8.34 -5.86
CA LEU B 120 -16.90 8.13 -7.23
C LEU B 120 -17.27 9.44 -7.89
N ASN B 121 -17.76 10.39 -7.10
CA ASN B 121 -18.04 11.73 -7.63
C ASN B 121 -16.79 12.50 -7.98
N SER B 122 -15.71 12.23 -7.24
CA SER B 122 -14.49 13.02 -7.34
C SER B 122 -13.51 12.50 -8.39
N VAL B 123 -13.56 11.19 -8.63
CA VAL B 123 -12.53 10.54 -9.44
C VAL B 123 -13.00 10.31 -10.88
N GLN B 124 -12.30 10.91 -11.83
CA GLN B 124 -12.52 10.65 -13.24
C GLN B 124 -11.19 10.35 -13.93
N ASP B 125 -11.24 9.99 -15.21
CA ASP B 125 -10.02 9.82 -16.01
C ASP B 125 -9.10 8.74 -15.44
N VAL B 126 -9.69 7.62 -15.07
CA VAL B 126 -8.94 6.43 -14.65
C VAL B 126 -9.46 5.26 -15.44
N ARG B 127 -8.81 4.11 -15.33
CA ARG B 127 -9.25 2.92 -16.04
C ARG B 127 -10.57 2.43 -15.49
N GLY B 128 -10.69 2.47 -14.16
CA GLY B 128 -11.91 2.03 -13.52
C GLY B 128 -11.75 1.99 -12.02
N PHE B 129 -12.70 1.33 -11.36
CA PHE B 129 -12.76 1.30 -9.90
C PHE B 129 -12.78 -0.13 -9.37
N VAL B 130 -12.26 -0.30 -8.17
CA VAL B 130 -12.41 -1.57 -7.47
C VAL B 130 -13.48 -1.37 -6.40
N LEU B 131 -14.50 -2.23 -6.43
CA LEU B 131 -15.64 -2.15 -5.50
C LEU B 131 -15.92 -3.56 -4.98
N PRO B 132 -16.34 -3.68 -3.71
CA PRO B 132 -16.43 -4.98 -3.02
C PRO B 132 -17.55 -5.87 -3.56
N GLY B 133 -17.14 -7.01 -4.10
CA GLY B 133 -18.08 -7.97 -4.64
C GLY B 133 -18.85 -8.76 -3.61
N ASN B 134 -18.48 -8.64 -2.33
CA ASN B 134 -19.30 -9.21 -1.26
C ASN B 134 -20.38 -8.22 -0.77
N GLN B 135 -20.49 -7.09 -1.47
CA GLN B 135 -21.52 -6.08 -1.21
C GLN B 135 -22.18 -5.67 -2.53
N PRO B 136 -22.98 -6.58 -3.11
CA PRO B 136 -23.49 -6.33 -4.47
C PRO B 136 -24.26 -5.02 -4.60
N GLU B 137 -24.91 -4.56 -3.53
CA GLU B 137 -25.65 -3.31 -3.56
C GLU B 137 -24.74 -2.12 -3.86
N VAL B 138 -23.50 -2.23 -3.40
CA VAL B 138 -22.51 -1.19 -3.62
C VAL B 138 -22.13 -1.14 -5.11
N VAL B 139 -21.88 -2.31 -5.69
CA VAL B 139 -21.59 -2.41 -7.12
C VAL B 139 -22.73 -1.85 -7.98
N ALA B 140 -23.96 -2.19 -7.63
CA ALA B 140 -25.12 -1.70 -8.37
C ALA B 140 -25.25 -0.19 -8.28
N GLN B 141 -25.10 0.34 -7.07
CA GLN B 141 -25.19 1.79 -6.88
C GLN B 141 -24.09 2.51 -7.66
N ALA B 142 -22.88 1.97 -7.64
CA ALA B 142 -21.76 2.59 -8.33
C ALA B 142 -22.01 2.60 -9.83
N ARG B 143 -22.44 1.46 -10.36
CA ARG B 143 -22.72 1.35 -11.79
C ARG B 143 -23.85 2.28 -12.21
N LYS B 144 -24.84 2.45 -11.33
CA LYS B 144 -25.90 3.40 -11.59
C LYS B 144 -25.32 4.82 -11.73
N ARG B 145 -24.38 5.15 -10.85
CA ARG B 145 -23.79 6.48 -10.82
C ARG B 145 -22.90 6.77 -12.03
N ILE B 146 -22.04 5.81 -12.41
CA ILE B 146 -21.07 6.05 -13.48
C ILE B 146 -21.43 5.43 -14.84
N GLY B 147 -22.49 4.64 -14.88
CA GLY B 147 -22.84 3.95 -16.11
C GLY B 147 -21.67 3.14 -16.63
N CYS B 148 -21.51 3.05 -17.96
CA CYS B 148 -20.41 2.30 -18.57
C CYS B 148 -19.18 3.16 -18.88
N SER B 149 -19.04 4.28 -18.16
CA SER B 149 -17.93 5.18 -18.39
C SER B 149 -16.57 4.57 -18.06
N TYR B 150 -16.55 3.72 -17.03
CA TYR B 150 -15.30 3.13 -16.51
C TYR B 150 -15.53 1.69 -16.10
N ARG B 151 -14.43 0.93 -16.02
CA ARG B 151 -14.52 -0.45 -15.58
C ARG B 151 -14.84 -0.53 -14.08
N ILE B 152 -15.48 -1.63 -13.69
CA ILE B 152 -15.57 -2.00 -12.28
C ILE B 152 -15.08 -3.44 -12.12
N ILE B 153 -14.12 -3.64 -11.23
CA ILE B 153 -13.70 -5.00 -10.90
C ILE B 153 -13.90 -5.23 -9.40
N SER B 154 -14.22 -6.46 -9.01
CA SER B 154 -14.73 -6.73 -7.67
C SER B 154 -14.18 -8.00 -7.03
N PRO B 155 -13.46 -7.85 -5.91
CA PRO B 155 -12.98 -9.01 -5.15
C PRO B 155 -13.98 -9.36 -4.04
N GLY B 156 -13.68 -10.41 -3.27
CA GLY B 156 -14.52 -10.80 -2.15
C GLY B 156 -15.45 -11.97 -2.44
N ILE B 157 -15.08 -12.78 -3.42
CA ILE B 157 -15.87 -13.92 -3.84
C ILE B 157 -15.35 -15.17 -3.12
N GLY B 158 -16.23 -15.92 -2.46
CA GLY B 158 -15.82 -17.13 -1.76
C GLY B 158 -15.71 -16.94 -0.26
N PRO B 159 -14.49 -17.11 0.29
CA PRO B 159 -14.26 -17.00 1.74
C PRO B 159 -14.75 -15.67 2.32
N GLN B 160 -14.70 -14.58 1.55
CA GLN B 160 -15.12 -13.30 2.09
C GLN B 160 -16.63 -13.04 1.98
N GLY B 161 -17.37 -13.99 1.40
CA GLY B 161 -18.81 -13.98 1.46
C GLY B 161 -19.55 -13.87 0.14
N GLY B 162 -18.85 -13.42 -0.90
CA GLY B 162 -19.49 -13.17 -2.17
C GLY B 162 -19.78 -14.45 -2.94
N ARG B 163 -20.93 -14.48 -3.62
CA ARG B 163 -21.26 -15.59 -4.50
C ARG B 163 -20.67 -15.34 -5.89
N PRO B 164 -20.07 -16.37 -6.50
CA PRO B 164 -19.52 -16.23 -7.84
C PRO B 164 -20.56 -15.67 -8.82
N GLY B 165 -20.18 -14.63 -9.56
CA GLY B 165 -21.09 -14.02 -10.51
C GLY B 165 -22.01 -12.93 -9.98
N ALA B 166 -22.19 -12.86 -8.67
CA ALA B 166 -23.14 -11.90 -8.08
C ALA B 166 -22.72 -10.44 -8.26
N ALA B 167 -21.42 -10.19 -8.26
CA ALA B 167 -20.93 -8.83 -8.49
C ALA B 167 -21.10 -8.48 -9.96
N ILE B 168 -20.79 -9.42 -10.84
CA ILE B 168 -21.03 -9.22 -12.27
C ILE B 168 -22.52 -8.94 -12.52
N GLU B 169 -23.40 -9.74 -11.91
CA GLU B 169 -24.84 -9.53 -12.03
C GLU B 169 -25.22 -8.12 -11.61
N ALA B 170 -24.55 -7.63 -10.57
CA ALA B 170 -24.86 -6.31 -10.00
C ALA B 170 -24.29 -5.16 -10.83
N GLY B 171 -23.44 -5.45 -11.79
CA GLY B 171 -22.90 -4.41 -12.65
C GLY B 171 -21.40 -4.44 -12.90
N ALA B 172 -20.67 -5.32 -12.22
CA ALA B 172 -19.22 -5.38 -12.40
C ALA B 172 -18.83 -5.88 -13.79
N ASP B 173 -17.62 -5.53 -14.24
CA ASP B 173 -17.06 -6.14 -15.43
C ASP B 173 -16.34 -7.46 -15.14
N PHE B 174 -15.55 -7.49 -14.07
CA PHE B 174 -14.78 -8.69 -13.75
C PHE B 174 -14.77 -8.90 -12.26
N GLU B 175 -14.76 -10.17 -11.86
CA GLU B 175 -14.57 -10.50 -10.46
C GLU B 175 -13.13 -10.93 -10.25
N ILE B 176 -12.58 -10.57 -9.09
CA ILE B 176 -11.22 -10.91 -8.70
C ILE B 176 -11.32 -12.02 -7.67
N VAL B 177 -10.69 -13.15 -7.94
CA VAL B 177 -10.85 -14.33 -7.11
C VAL B 177 -9.51 -14.98 -6.81
N GLY B 178 -9.21 -15.14 -5.53
CA GLY B 178 -7.95 -15.73 -5.10
C GLY B 178 -8.10 -17.16 -4.62
N ARG B 179 -8.21 -17.32 -3.30
CA ARG B 179 -8.22 -18.63 -2.66
C ARG B 179 -9.17 -19.65 -3.27
N TYR B 180 -10.37 -19.21 -3.62
CA TYR B 180 -11.40 -20.10 -4.16
C TYR B 180 -10.91 -20.80 -5.41
N VAL B 181 -10.27 -20.05 -6.30
CA VAL B 181 -9.76 -20.62 -7.54
C VAL B 181 -8.41 -21.32 -7.36
N LEU B 182 -7.54 -20.74 -6.54
CA LEU B 182 -6.24 -21.35 -6.27
C LEU B 182 -6.42 -22.73 -5.71
N GLU B 183 -7.42 -22.88 -4.84
CA GLU B 183 -7.69 -24.16 -4.18
C GLU B 183 -8.10 -25.23 -5.20
N ASP B 184 -8.84 -24.81 -6.23
CA ASP B 184 -9.29 -25.70 -7.28
C ASP B 184 -9.55 -24.93 -8.58
N PRO B 185 -8.53 -24.85 -9.44
CA PRO B 185 -8.60 -24.07 -10.67
C PRO B 185 -9.76 -24.44 -11.59
N ALA B 186 -10.31 -25.65 -11.47
CA ALA B 186 -11.43 -26.03 -12.32
C ALA B 186 -12.69 -25.19 -12.01
N ARG B 187 -12.72 -24.53 -10.85
CA ARG B 187 -13.87 -23.71 -10.46
C ARG B 187 -14.13 -22.51 -11.37
N ILE B 188 -13.18 -22.18 -12.23
CA ILE B 188 -13.39 -21.04 -13.13
C ILE B 188 -14.61 -21.28 -14.01
N SER B 189 -14.98 -22.55 -14.17
CA SER B 189 -16.15 -22.88 -14.98
C SER B 189 -17.43 -22.31 -14.39
N GLN B 190 -17.42 -21.97 -13.10
CA GLN B 190 -18.59 -21.37 -12.47
C GLN B 190 -18.90 -19.97 -13.02
N TRP B 191 -17.97 -19.42 -13.81
CA TRP B 191 -18.17 -18.10 -14.40
C TRP B 191 -18.59 -18.17 -15.86
N ALA B 192 -18.78 -19.39 -16.36
CA ALA B 192 -19.02 -19.62 -17.79
C ALA B 192 -20.25 -18.89 -18.34
N GLN B 193 -21.29 -18.77 -17.52
CA GLN B 193 -22.54 -18.18 -18.00
C GLN B 193 -22.54 -16.65 -17.90
N TYR B 194 -21.47 -16.08 -17.36
CA TYR B 194 -21.43 -14.64 -17.13
C TYR B 194 -20.62 -13.87 -18.17
N ARG B 195 -21.02 -12.63 -18.40
CA ARG B 195 -20.31 -11.72 -19.29
C ARG B 195 -20.13 -10.38 -18.59
N PRO B 196 -19.02 -9.68 -18.88
CA PRO B 196 -18.82 -8.38 -18.26
C PRO B 196 -19.96 -7.41 -18.61
N THR B 197 -20.32 -6.55 -17.66
CA THR B 197 -21.46 -5.66 -17.83
C THR B 197 -21.22 -4.61 -18.89
N CYS B 198 -20.02 -4.02 -18.91
CA CYS B 198 -19.73 -2.90 -19.79
C CYS B 198 -18.54 -3.12 -20.73
N PHE B 199 -17.47 -3.72 -20.21
CA PHE B 199 -16.21 -3.79 -20.94
C PHE B 199 -15.75 -5.22 -21.19
N GLU B 200 -15.34 -5.53 -22.41
CA GLU B 200 -14.94 -6.90 -22.74
C GLU B 200 -13.58 -7.32 -22.17
N THR B 201 -12.75 -6.35 -21.82
CA THR B 201 -11.42 -6.63 -21.26
C THR B 201 -11.20 -5.79 -20.01
N PRO B 202 -10.36 -6.27 -19.09
CA PRO B 202 -10.12 -5.48 -17.87
C PRO B 202 -9.25 -4.27 -18.16
P BMP C . 11.89 12.20 1.02
OP1 BMP C . 10.88 13.22 0.60
OP2 BMP C . 12.90 11.82 -0.17
OP3 BMP C . 12.66 12.65 2.35
O5' BMP C . 11.14 10.83 1.31
C5' BMP C . 10.05 10.77 2.22
C4' BMP C . 9.75 9.35 2.60
O4' BMP C . 8.67 9.34 3.56
C3' BMP C . 9.33 8.45 1.45
O3' BMP C . 9.83 7.14 1.68
C2' BMP C . 7.80 8.45 1.55
O2' BMP C . 7.20 7.27 1.05
C1' BMP C . 7.56 8.62 3.06
N1 BMP C . 6.35 9.37 3.40
C2 BMP C . 6.10 10.62 2.95
O2 BMP C . 6.89 11.21 2.23
N3 BMP C . 4.97 11.26 3.29
C4 BMP C . 4.05 10.68 4.09
O4 BMP C . 3.03 11.29 4.37
C5 BMP C . 4.26 9.38 4.57
C6 BMP C . 5.43 8.75 4.21
O1 BMP C . 5.71 7.50 4.64
NI NI D . 10.37 0.02 14.94
P BMP E . -9.56 -13.98 -1.93
OP1 BMP E . -10.41 -13.56 -0.78
OP2 BMP E . -8.61 -15.21 -1.55
OP3 BMP E . -10.45 -14.25 -3.22
O5' BMP E . -8.61 -12.75 -2.25
C5' BMP E . -9.14 -11.49 -2.62
C4' BMP E . -8.11 -10.63 -3.30
O4' BMP E . -8.68 -9.33 -3.57
C3' BMP E . -6.84 -10.41 -2.49
O3' BMP E . -5.71 -10.40 -3.35
C2' BMP E . -7.05 -9.01 -1.88
O2' BMP E . -5.85 -8.30 -1.67
C1' BMP E . -7.95 -8.33 -2.91
N1 BMP E . -8.92 -7.36 -2.34
C2 BMP E . -9.83 -7.71 -1.41
O2 BMP E . -9.91 -8.85 -0.98
N3 BMP E . -10.69 -6.78 -0.92
C4 BMP E . -10.64 -5.51 -1.34
O4 BMP E . -11.46 -4.71 -0.87
C5 BMP E . -9.70 -5.11 -2.32
C6 BMP E . -8.85 -6.07 -2.81
O1 BMP E . -7.92 -5.80 -3.75
NI NI F . -5.52 -3.81 -16.99
#